data_5TSQ
#
_entry.id   5TSQ
#
_cell.length_a   74.660
_cell.length_b   94.080
_cell.length_c   123.120
_cell.angle_alpha   90.000
_cell.angle_beta   90.000
_cell.angle_gamma   90.000
#
_symmetry.space_group_name_H-M   'I 2 2 2'
#
loop_
_entity.id
_entity.type
_entity.pdbx_description
1 polymer IUnH
2 non-polymer 'CALCIUM ION'
3 non-polymer beta-D-ribofuranose
4 water water
#
_entity_poly.entity_id   1
_entity_poly.type   'polypeptide(L)'
_entity_poly.pdbx_seq_one_letter_code
;PRKIILDCDPGIDDAVAILLAYGNPEIELLAITTVVGNQTLEKVTRNAQLVADVAGIVGVPIAAGCCKPLVRKVRTAPQI
HGETGLGTVSYPSEFKTKLDKRHAVHLIIELIMSHEPKSITLVPTGGLTNIAMAARLEPRIVERVKEVVLMGGSCCIGNA
SPVAEFNIFVDPEAAHIVFNESWDVTMVGLDLTSQALATPEVLQRVKEVRTKPADFILKILEFYTKVYETQRNTYAKVHD
PCAVAYVIDPTVMTTNRVPVNIELNGELTAGMTVTDFRYPRPEQCHTQVASKLDFSKYWDLVIDALQRIGDP
;
_entity_poly.pdbx_strand_id   A
#
loop_
_chem_comp.id
_chem_comp.type
_chem_comp.name
_chem_comp.formula
BDR D-saccharide, beta linking beta-D-ribofuranose 'C5 H10 O5'
CA non-polymer 'CALCIUM ION' 'Ca 2'
#
# COMPACT_ATOMS: atom_id res chain seq x y z
N PRO A 1 -12.26 15.93 4.66
CA PRO A 1 -11.50 14.68 4.53
C PRO A 1 -10.69 14.64 3.24
N ARG A 2 -9.65 13.84 3.23
CA ARG A 2 -8.80 13.72 2.04
C ARG A 2 -9.29 12.56 1.18
N LYS A 3 -9.64 12.87 -0.07
CA LYS A 3 -9.99 11.81 -1.02
C LYS A 3 -8.76 11.01 -1.44
N ILE A 4 -8.88 9.69 -1.42
CA ILE A 4 -7.80 8.83 -1.90
C ILE A 4 -8.34 7.74 -2.80
N ILE A 5 -7.43 7.22 -3.62
CA ILE A 5 -7.60 5.94 -4.29
C ILE A 5 -6.54 5.02 -3.71
N LEU A 6 -6.97 3.88 -3.16
CA LEU A 6 -6.07 2.92 -2.55
C LEU A 6 -5.80 1.80 -3.55
N ASP A 7 -4.58 1.75 -4.08
CA ASP A 7 -4.19 0.78 -5.09
C ASP A 7 -3.31 -0.25 -4.37
N CYS A 8 -3.71 -1.52 -4.39
CA CYS A 8 -3.15 -2.47 -3.45
C CYS A 8 -3.20 -3.91 -3.97
N ASP A 9 -2.56 -4.82 -3.23
CA ASP A 9 -2.44 -6.23 -3.60
C ASP A 9 -2.64 -7.12 -2.37
N PRO A 10 -3.85 -7.12 -1.80
CA PRO A 10 -4.05 -7.78 -0.50
C PRO A 10 -3.82 -9.28 -0.56
N GLY A 11 -2.90 -9.78 0.30
CA GLY A 11 -2.00 -8.98 1.14
C GLY A 11 -2.54 -8.65 2.52
N ILE A 12 -1.86 -9.17 3.54
CA ILE A 12 -2.36 -9.06 4.90
C ILE A 12 -2.25 -7.61 5.39
N ASP A 13 -1.11 -6.96 5.16
CA ASP A 13 -1.05 -5.57 5.61
C ASP A 13 -1.87 -4.64 4.70
N ASP A 14 -2.00 -4.95 3.40
CA ASP A 14 -2.96 -4.21 2.58
C ASP A 14 -4.36 -4.25 3.18
N ALA A 15 -4.77 -5.42 3.69
CA ALA A 15 -6.11 -5.53 4.27
C ALA A 15 -6.25 -4.58 5.45
N VAL A 16 -5.23 -4.50 6.30
CA VAL A 16 -5.28 -3.54 7.39
C VAL A 16 -5.37 -2.11 6.84
N ALA A 17 -4.65 -1.82 5.75
CA ALA A 17 -4.68 -0.48 5.17
C ALA A 17 -6.05 -0.15 4.62
N ILE A 18 -6.73 -1.12 4.00
CA ILE A 18 -8.10 -0.89 3.54
C ILE A 18 -8.99 -0.49 4.70
N LEU A 19 -8.87 -1.20 5.83
CA LEU A 19 -9.77 -0.89 6.95
C LEU A 19 -9.41 0.42 7.62
N LEU A 20 -8.11 0.78 7.66
CA LEU A 20 -7.75 2.09 8.19
C LEU A 20 -8.34 3.20 7.32
N ALA A 21 -8.22 3.05 5.99
CA ALA A 21 -8.76 4.05 5.06
C ALA A 21 -10.28 4.14 5.18
N TYR A 22 -10.95 3.00 5.33
CA TYR A 22 -12.40 2.98 5.44
C TYR A 22 -12.88 3.52 6.79
N GLY A 23 -12.18 3.17 7.88
CA GLY A 23 -12.66 3.51 9.20
C GLY A 23 -12.30 4.90 9.68
N ASN A 24 -11.24 5.48 9.15
CA ASN A 24 -10.79 6.77 9.65
C ASN A 24 -11.60 7.90 9.01
N PRO A 25 -12.12 8.85 9.80
CA PRO A 25 -12.99 9.88 9.23
C PRO A 25 -12.27 10.96 8.43
N GLU A 26 -10.93 11.00 8.46
CA GLU A 26 -10.21 11.98 7.68
C GLU A 26 -9.99 11.54 6.25
N ILE A 27 -10.37 10.30 5.92
CA ILE A 27 -10.17 9.75 4.59
C ILE A 27 -11.52 9.59 3.91
N GLU A 28 -11.59 10.02 2.66
CA GLU A 28 -12.73 9.68 1.81
C GLU A 28 -12.20 8.68 0.79
N LEU A 29 -12.54 7.41 0.99
CA LEU A 29 -12.02 6.34 0.15
C LEU A 29 -12.85 6.26 -1.12
N LEU A 30 -12.27 6.64 -2.25
CA LEU A 30 -13.02 6.72 -3.49
C LEU A 30 -13.05 5.40 -4.26
N ALA A 31 -12.04 4.57 -4.07
CA ALA A 31 -11.93 3.33 -4.83
C ALA A 31 -10.84 2.47 -4.21
N ILE A 32 -11.02 1.15 -4.34
CA ILE A 32 -9.99 0.16 -4.07
C ILE A 32 -9.61 -0.45 -5.40
N THR A 33 -8.38 -0.24 -5.84
CA THR A 33 -7.95 -0.81 -7.12
C THR A 33 -6.88 -1.84 -6.83
N THR A 34 -6.87 -2.95 -7.59
CA THR A 34 -5.94 -4.03 -7.27
C THR A 34 -4.92 -4.27 -8.37
N VAL A 35 -3.78 -4.82 -7.97
CA VAL A 35 -2.66 -5.06 -8.87
C VAL A 35 -2.00 -6.38 -8.48
N VAL A 36 -1.48 -7.09 -9.48
CA VAL A 36 -0.66 -8.26 -9.20
C VAL A 36 0.50 -7.91 -8.27
N GLY A 37 0.86 -8.83 -7.40
CA GLY A 37 2.01 -8.60 -6.54
C GLY A 37 2.12 -9.68 -5.48
N ASN A 38 1.58 -9.42 -4.29
CA ASN A 38 1.65 -10.44 -3.24
C ASN A 38 1.12 -11.77 -3.72
N GLN A 39 0.06 -11.75 -4.50
CA GLN A 39 -0.44 -12.95 -5.15
C GLN A 39 -0.86 -12.56 -6.56
N THR A 40 -1.37 -13.53 -7.31
CA THR A 40 -1.91 -13.22 -8.63
C THR A 40 -3.03 -12.21 -8.52
N LEU A 41 -3.33 -11.56 -9.64
CA LEU A 41 -4.37 -10.54 -9.64
C LEU A 41 -5.71 -11.13 -9.22
N GLU A 42 -6.04 -12.33 -9.71
CA GLU A 42 -7.29 -12.97 -9.35
C GLU A 42 -7.41 -13.15 -7.83
N LYS A 43 -6.32 -13.58 -7.19
CA LYS A 43 -6.37 -13.84 -5.76
C LYS A 43 -6.44 -12.55 -4.95
N VAL A 44 -5.64 -11.55 -5.31
CA VAL A 44 -5.64 -10.33 -4.50
C VAL A 44 -6.95 -9.58 -4.69
N THR A 45 -7.56 -9.73 -5.85
CA THR A 45 -8.86 -9.09 -6.07
C THR A 45 -9.93 -9.76 -5.21
N ARG A 46 -9.96 -11.09 -5.21
CA ARG A 46 -10.88 -11.81 -4.31
C ARG A 46 -10.63 -11.41 -2.86
N ASN A 47 -9.37 -11.21 -2.50
CA ASN A 47 -9.04 -10.83 -1.13
C ASN A 47 -9.56 -9.44 -0.80
N ALA A 48 -9.48 -8.50 -1.76
CA ALA A 48 -10.06 -7.18 -1.53
C ALA A 48 -11.58 -7.28 -1.34
N GLN A 49 -12.23 -8.13 -2.13
CA GLN A 49 -13.67 -8.33 -1.94
C GLN A 49 -13.98 -8.91 -0.57
N LEU A 50 -13.16 -9.87 -0.11
CA LEU A 50 -13.40 -10.44 1.22
C LEU A 50 -13.29 -9.38 2.30
N VAL A 51 -12.27 -8.53 2.22
CA VAL A 51 -12.11 -7.45 3.22
C VAL A 51 -13.33 -6.53 3.20
N ALA A 52 -13.79 -6.16 2.00
CA ALA A 52 -14.99 -5.33 1.90
C ALA A 52 -16.22 -6.02 2.44
N ASP A 53 -16.36 -7.33 2.19
CA ASP A 53 -17.50 -8.06 2.77
C ASP A 53 -17.40 -8.06 4.30
N VAL A 54 -16.20 -8.27 4.84
CA VAL A 54 -16.05 -8.40 6.29
C VAL A 54 -16.42 -7.09 6.98
N ALA A 55 -16.00 -5.96 6.42
CA ALA A 55 -16.19 -4.66 7.05
C ALA A 55 -17.44 -3.94 6.56
N GLY A 56 -18.21 -4.54 5.66
CA GLY A 56 -19.43 -3.90 5.17
C GLY A 56 -19.19 -2.64 4.37
N ILE A 57 -18.14 -2.62 3.53
CA ILE A 57 -17.82 -1.45 2.72
C ILE A 57 -18.75 -1.42 1.51
N VAL A 58 -19.67 -0.44 1.49
CA VAL A 58 -20.61 -0.26 0.39
C VAL A 58 -20.37 1.09 -0.27
N GLY A 59 -20.63 1.15 -1.57
CA GLY A 59 -20.47 2.37 -2.32
C GLY A 59 -19.04 2.71 -2.71
N VAL A 60 -18.09 1.80 -2.50
CA VAL A 60 -16.70 2.02 -2.87
C VAL A 60 -16.34 1.00 -3.95
N PRO A 61 -16.10 1.44 -5.18
CA PRO A 61 -15.84 0.46 -6.24
C PRO A 61 -14.52 -0.27 -6.00
N ILE A 62 -14.54 -1.58 -6.25
CA ILE A 62 -13.33 -2.40 -6.31
C ILE A 62 -13.10 -2.74 -7.76
N ALA A 63 -11.96 -2.33 -8.30
CA ALA A 63 -11.65 -2.55 -9.71
C ALA A 63 -10.33 -3.28 -9.84
N ALA A 64 -10.33 -4.36 -10.61
CA ALA A 64 -9.10 -5.10 -10.86
C ALA A 64 -8.27 -4.42 -11.93
N GLY A 65 -6.96 -4.36 -11.70
CA GLY A 65 -6.07 -3.74 -12.66
C GLY A 65 -5.18 -4.72 -13.41
N CYS A 66 -3.87 -4.43 -13.43
CA CYS A 66 -2.93 -5.17 -14.27
C CYS A 66 -2.59 -6.54 -13.66
N CYS A 67 -2.57 -7.56 -14.52
CA CYS A 67 -2.27 -8.91 -14.04
C CYS A 67 -0.81 -9.29 -14.21
N LYS A 68 -0.02 -8.45 -14.88
CA LYS A 68 1.40 -8.67 -15.06
C LYS A 68 2.11 -7.34 -14.81
N PRO A 69 3.36 -7.39 -14.34
CA PRO A 69 4.19 -6.18 -14.36
C PRO A 69 4.36 -5.68 -15.78
N LEU A 70 4.85 -4.44 -15.91
CA LEU A 70 5.06 -3.89 -17.24
C LEU A 70 5.99 -4.77 -18.08
N VAL A 71 7.18 -5.09 -17.57
CA VAL A 71 8.22 -5.74 -18.34
C VAL A 71 8.61 -7.08 -17.75
N ARG A 72 8.74 -7.16 -16.44
CA ARG A 72 9.37 -8.32 -15.85
C ARG A 72 8.34 -9.39 -15.54
N LYS A 73 8.83 -10.58 -15.23
CA LYS A 73 7.93 -11.71 -14.96
C LYS A 73 7.20 -11.54 -13.64
N VAL A 74 6.01 -12.13 -13.56
CA VAL A 74 5.23 -12.11 -12.32
C VAL A 74 6.01 -12.79 -11.21
N ARG A 75 6.04 -12.14 -10.04
CA ARG A 75 6.62 -12.68 -8.83
C ARG A 75 5.61 -12.47 -7.72
N THR A 76 5.27 -13.55 -7.02
CA THR A 76 4.34 -13.49 -5.90
C THR A 76 5.07 -13.82 -4.61
N ALA A 77 4.35 -13.70 -3.50
CA ALA A 77 4.94 -13.85 -2.17
C ALA A 77 4.11 -14.78 -1.29
N PRO A 78 3.87 -16.03 -1.73
CA PRO A 78 3.09 -16.95 -0.91
C PRO A 78 3.79 -17.33 0.39
N GLN A 79 5.12 -17.18 0.45
CA GLN A 79 5.81 -17.48 1.69
C GLN A 79 5.52 -16.45 2.78
N ILE A 80 4.96 -15.30 2.43
CA ILE A 80 4.66 -14.25 3.40
C ILE A 80 3.15 -14.10 3.61
N HIS A 81 2.37 -14.14 2.53
CA HIS A 81 0.93 -13.96 2.65
C HIS A 81 0.13 -15.23 2.40
N GLY A 82 0.78 -16.36 2.20
CA GLY A 82 0.07 -17.61 2.00
C GLY A 82 -0.32 -17.85 0.55
N GLU A 83 -0.72 -19.10 0.27
CA GLU A 83 -1.11 -19.44 -1.09
C GLU A 83 -2.33 -18.65 -1.55
N THR A 84 -3.22 -18.28 -0.61
CA THR A 84 -4.39 -17.47 -0.93
C THR A 84 -4.11 -15.98 -0.94
N GLY A 85 -3.05 -15.54 -0.28
CA GLY A 85 -2.79 -14.14 -0.14
C GLY A 85 -3.28 -13.53 1.16
N LEU A 86 -4.07 -14.27 1.95
CA LEU A 86 -4.54 -13.81 3.26
C LEU A 86 -4.37 -14.89 4.31
N GLY A 87 -3.28 -15.63 4.24
CA GLY A 87 -3.05 -16.65 5.25
C GLY A 87 -4.09 -17.75 5.20
N THR A 88 -4.67 -18.09 6.35
CA THR A 88 -5.53 -19.26 6.46
C THR A 88 -7.02 -18.91 6.59
N VAL A 89 -7.44 -17.73 6.11
CA VAL A 89 -8.87 -17.43 6.18
C VAL A 89 -9.62 -18.26 5.16
N SER A 90 -10.93 -18.41 5.37
CA SER A 90 -11.81 -19.08 4.44
C SER A 90 -12.67 -18.07 3.70
N TYR A 91 -13.15 -18.48 2.53
CA TYR A 91 -13.85 -17.60 1.61
C TYR A 91 -15.30 -18.04 1.45
N PRO A 92 -16.22 -17.09 1.31
CA PRO A 92 -17.61 -17.47 1.04
C PRO A 92 -17.75 -18.01 -0.37
N SER A 93 -18.85 -18.73 -0.61
CA SER A 93 -19.10 -19.21 -1.95
C SER A 93 -19.34 -18.07 -2.93
N GLU A 94 -19.83 -16.94 -2.43
CA GLU A 94 -20.14 -15.78 -3.26
C GLU A 94 -19.88 -14.53 -2.43
N PHE A 95 -19.35 -13.49 -3.07
CA PHE A 95 -19.10 -12.23 -2.36
C PHE A 95 -20.32 -11.32 -2.46
N LYS A 96 -20.55 -10.59 -1.38
CA LYS A 96 -21.56 -9.53 -1.41
C LYS A 96 -21.06 -8.33 -2.23
N THR A 97 -19.79 -7.97 -2.06
CA THR A 97 -19.21 -6.84 -2.77
C THR A 97 -18.84 -7.29 -4.18
N LYS A 98 -19.52 -6.74 -5.18
CA LYS A 98 -19.26 -7.11 -6.57
C LYS A 98 -18.14 -6.26 -7.14
N LEU A 99 -17.49 -6.81 -8.15
CA LEU A 99 -16.39 -6.12 -8.81
C LEU A 99 -16.92 -5.07 -9.77
N ASP A 100 -16.25 -3.93 -9.81
CA ASP A 100 -16.55 -2.93 -10.83
C ASP A 100 -16.21 -3.49 -12.21
N LYS A 101 -16.96 -3.03 -13.23
CA LYS A 101 -16.71 -3.48 -14.60
C LYS A 101 -15.51 -2.81 -15.24
N ARG A 102 -15.02 -1.70 -14.69
CA ARG A 102 -13.93 -0.96 -15.28
C ARG A 102 -12.59 -1.54 -14.85
N HIS A 103 -11.64 -1.58 -15.78
CA HIS A 103 -10.26 -1.80 -15.41
C HIS A 103 -9.80 -0.73 -14.42
N ALA A 104 -8.97 -1.12 -13.44
CA ALA A 104 -8.51 -0.14 -12.46
C ALA A 104 -7.87 1.09 -13.11
N VAL A 105 -7.10 0.89 -14.18
CA VAL A 105 -6.45 2.03 -14.82
C VAL A 105 -7.48 3.02 -15.36
N HIS A 106 -8.55 2.49 -15.95
CA HIS A 106 -9.63 3.33 -16.44
CA HIS A 106 -9.68 3.29 -16.44
C HIS A 106 -10.35 4.03 -15.28
N LEU A 107 -10.60 3.32 -14.17
CA LEU A 107 -11.26 3.96 -13.04
C LEU A 107 -10.40 5.05 -12.42
N ILE A 108 -9.09 4.81 -12.29
CA ILE A 108 -8.20 5.84 -11.76
C ILE A 108 -8.26 7.10 -12.62
N ILE A 109 -8.16 6.92 -13.93
CA ILE A 109 -8.17 8.09 -14.83
C ILE A 109 -9.52 8.80 -14.74
N GLU A 110 -10.61 8.04 -14.79
CA GLU A 110 -11.94 8.64 -14.73
C GLU A 110 -12.11 9.46 -13.46
N LEU A 111 -11.69 8.91 -12.32
CA LEU A 111 -11.87 9.62 -11.05
C LEU A 111 -11.04 10.89 -11.05
N ILE A 112 -9.78 10.82 -11.50
CA ILE A 112 -8.94 12.01 -11.47
C ILE A 112 -9.45 13.06 -12.44
N MET A 113 -9.90 12.65 -13.63
CA MET A 113 -10.35 13.68 -14.56
C MET A 113 -11.72 14.24 -14.20
N SER A 114 -12.53 13.54 -13.42
CA SER A 114 -13.85 14.07 -13.10
C SER A 114 -13.91 14.82 -11.77
N HIS A 115 -12.98 14.57 -10.86
CA HIS A 115 -12.94 15.32 -9.60
C HIS A 115 -12.16 16.63 -9.80
N GLU A 116 -12.32 17.53 -8.83
CA GLU A 116 -11.64 18.83 -8.91
C GLU A 116 -10.13 18.63 -8.90
N PRO A 117 -9.39 19.52 -9.55
CA PRO A 117 -7.92 19.38 -9.57
C PRO A 117 -7.33 19.45 -8.18
N LYS A 118 -6.28 18.64 -7.98
CA LYS A 118 -5.49 18.63 -6.75
C LYS A 118 -6.28 18.16 -5.54
N SER A 119 -7.33 17.37 -5.76
CA SER A 119 -8.17 16.89 -4.67
C SER A 119 -7.94 15.43 -4.31
N ILE A 120 -7.34 14.62 -5.19
CA ILE A 120 -7.20 13.17 -4.94
C ILE A 120 -5.75 12.83 -4.69
N THR A 121 -5.49 12.08 -3.63
CA THR A 121 -4.18 11.51 -3.35
C THR A 121 -4.20 10.06 -3.79
N LEU A 122 -3.21 9.66 -4.59
CA LEU A 122 -3.04 8.25 -4.94
C LEU A 122 -2.24 7.60 -3.83
N VAL A 123 -2.74 6.46 -3.32
CA VAL A 123 -2.07 5.72 -2.24
C VAL A 123 -1.81 4.30 -2.72
N PRO A 124 -0.68 4.06 -3.40
CA PRO A 124 -0.31 2.71 -3.84
C PRO A 124 0.39 1.98 -2.71
N THR A 125 0.00 0.71 -2.51
CA THR A 125 0.65 -0.15 -1.51
C THR A 125 1.00 -1.49 -2.13
N GLY A 126 1.04 -1.58 -3.46
CA GLY A 126 1.56 -2.77 -4.12
C GLY A 126 2.56 -2.32 -5.17
N GLY A 127 2.84 -3.17 -6.17
CA GLY A 127 3.59 -2.71 -7.32
C GLY A 127 2.90 -1.55 -8.02
N LEU A 128 3.70 -0.75 -8.75
CA LEU A 128 3.21 0.54 -9.22
C LEU A 128 2.65 0.45 -10.65
N THR A 129 2.39 -0.76 -11.12
CA THR A 129 2.00 -1.00 -12.52
C THR A 129 0.77 -0.17 -12.94
N ASN A 130 -0.29 -0.21 -12.14
CA ASN A 130 -1.51 0.52 -12.52
C ASN A 130 -1.26 2.03 -12.56
N ILE A 131 -0.49 2.53 -11.59
CA ILE A 131 -0.24 3.97 -11.51
C ILE A 131 0.55 4.42 -12.72
N ALA A 132 1.58 3.65 -13.08
CA ALA A 132 2.40 3.97 -14.24
C ALA A 132 1.59 3.91 -15.52
N MET A 133 0.78 2.86 -15.67
CA MET A 133 -0.05 2.74 -16.87
CA MET A 133 -0.04 2.75 -16.88
C MET A 133 -0.99 3.92 -17.00
N ALA A 134 -1.63 4.30 -15.88
CA ALA A 134 -2.57 5.43 -15.92
C ALA A 134 -1.85 6.72 -16.30
N ALA A 135 -0.67 6.96 -15.74
CA ALA A 135 0.08 8.18 -16.04
C ALA A 135 0.45 8.27 -17.51
N ARG A 136 0.82 7.13 -18.12
CA ARG A 136 1.19 7.15 -19.53
C ARG A 136 -0.02 7.19 -20.47
N LEU A 137 -1.13 6.57 -20.09
CA LEU A 137 -2.32 6.57 -20.94
C LEU A 137 -3.04 7.93 -20.91
N GLU A 138 -3.08 8.59 -19.74
CA GLU A 138 -3.65 9.93 -19.64
C GLU A 138 -2.68 10.82 -18.88
N PRO A 139 -1.72 11.43 -19.59
CA PRO A 139 -0.71 12.25 -18.90
C PRO A 139 -1.31 13.42 -18.14
N ARG A 140 -2.53 13.85 -18.46
CA ARG A 140 -3.10 14.98 -17.73
C ARG A 140 -3.34 14.63 -16.26
N ILE A 141 -3.35 13.36 -15.89
CA ILE A 141 -3.60 13.05 -14.48
C ILE A 141 -2.43 13.47 -13.62
N VAL A 142 -1.23 13.63 -14.19
CA VAL A 142 -0.04 13.83 -13.36
C VAL A 142 -0.12 15.14 -12.62
N GLU A 143 -0.44 16.23 -13.34
CA GLU A 143 -0.60 17.52 -12.67
C GLU A 143 -1.91 17.62 -11.93
N ARG A 144 -2.89 16.77 -12.22
CA ARG A 144 -4.19 16.90 -11.58
C ARG A 144 -4.24 16.23 -10.22
N VAL A 145 -3.41 15.20 -10.00
CA VAL A 145 -3.35 14.53 -8.71
C VAL A 145 -2.84 15.49 -7.65
N LYS A 146 -3.36 15.34 -6.42
CA LYS A 146 -2.80 16.11 -5.31
C LYS A 146 -1.35 15.70 -5.06
N GLU A 147 -1.12 14.40 -4.89
CA GLU A 147 0.20 13.86 -4.61
C GLU A 147 0.04 12.35 -4.58
N VAL A 148 1.18 11.67 -4.56
CA VAL A 148 1.25 10.23 -4.45
C VAL A 148 1.91 9.91 -3.12
N VAL A 149 1.29 9.05 -2.32
CA VAL A 149 1.88 8.59 -1.07
C VAL A 149 1.91 7.08 -1.15
N LEU A 150 3.09 6.50 -1.32
CA LEU A 150 3.15 5.06 -1.58
C LEU A 150 3.92 4.34 -0.50
N MET A 151 3.51 3.10 -0.23
CA MET A 151 4.34 2.21 0.56
C MET A 151 5.23 1.47 -0.43
N GLY A 152 6.53 1.62 -0.27
CA GLY A 152 7.47 0.94 -1.13
C GLY A 152 8.85 1.55 -0.96
N GLY A 153 9.86 0.84 -1.43
CA GLY A 153 11.20 1.36 -1.41
C GLY A 153 11.92 1.08 -0.10
N SER A 154 13.21 1.43 -0.11
CA SER A 154 14.03 1.35 1.08
C SER A 154 15.33 2.10 0.83
N CYS A 155 15.76 2.87 1.81
CA CYS A 155 17.03 3.56 1.60
C CYS A 155 18.21 2.60 1.65
N CYS A 156 18.15 1.55 2.47
CA CYS A 156 19.33 0.74 2.74
CA CYS A 156 19.33 0.74 2.68
C CYS A 156 19.10 -0.77 2.60
N ILE A 157 18.25 -1.31 3.46
CA ILE A 157 18.08 -2.76 3.60
C ILE A 157 16.77 -3.16 2.93
N GLY A 158 16.83 -4.14 2.03
CA GLY A 158 15.65 -4.58 1.32
C GLY A 158 14.99 -5.79 1.98
N ASN A 159 13.97 -6.32 1.30
CA ASN A 159 13.39 -7.59 1.70
C ASN A 159 13.37 -8.55 0.52
N ALA A 160 12.91 -8.09 -0.65
CA ALA A 160 12.87 -8.96 -1.82
C ALA A 160 14.27 -9.24 -2.36
N SER A 161 15.22 -8.34 -2.12
CA SER A 161 16.62 -8.55 -2.43
C SER A 161 17.42 -7.91 -1.30
N PRO A 162 18.74 -8.02 -1.29
CA PRO A 162 19.52 -7.35 -0.24
C PRO A 162 19.19 -5.88 -0.10
N VAL A 163 18.90 -5.20 -1.21
CA VAL A 163 18.76 -3.75 -1.21
C VAL A 163 17.42 -3.27 -1.75
N ALA A 164 16.56 -4.14 -2.29
CA ALA A 164 15.31 -3.72 -2.91
C ALA A 164 14.13 -4.19 -2.07
N GLU A 165 13.11 -3.35 -2.04
CA GLU A 165 11.82 -3.63 -1.40
C GLU A 165 10.87 -4.21 -2.44
N PHE A 166 9.96 -5.06 -1.96
CA PHE A 166 9.11 -5.91 -2.82
C PHE A 166 8.31 -5.11 -3.85
N ASN A 167 7.58 -4.09 -3.41
CA ASN A 167 6.71 -3.38 -4.35
C ASN A 167 7.48 -2.77 -5.51
N ILE A 168 8.66 -2.22 -5.24
CA ILE A 168 9.50 -1.70 -6.34
C ILE A 168 10.09 -2.85 -7.15
N PHE A 169 10.59 -3.87 -6.45
CA PHE A 169 11.24 -5.01 -7.09
C PHE A 169 10.33 -5.71 -8.09
N VAL A 170 9.04 -5.83 -7.79
CA VAL A 170 8.18 -6.61 -8.69
C VAL A 170 7.83 -5.85 -9.95
N ASP A 171 8.04 -4.53 -10.00
CA ASP A 171 7.87 -3.78 -11.25
C ASP A 171 8.73 -2.51 -11.24
N PRO A 172 10.04 -2.69 -11.46
CA PRO A 172 10.94 -1.53 -11.37
C PRO A 172 10.63 -0.48 -12.42
N GLU A 173 10.28 -0.92 -13.63
CA GLU A 173 9.94 0.01 -14.69
C GLU A 173 8.74 0.88 -14.30
N ALA A 174 7.70 0.28 -13.71
CA ALA A 174 6.56 1.08 -13.30
C ALA A 174 6.98 2.07 -12.22
N ALA A 175 7.83 1.62 -11.28
CA ALA A 175 8.31 2.55 -10.25
C ALA A 175 9.09 3.69 -10.86
N HIS A 176 9.93 3.39 -11.87
CA HIS A 176 10.72 4.44 -12.51
C HIS A 176 9.81 5.48 -13.15
N ILE A 177 8.72 5.02 -13.79
CA ILE A 177 7.75 5.97 -14.34
C ILE A 177 7.19 6.86 -13.24
N VAL A 178 6.74 6.25 -12.13
CA VAL A 178 6.09 7.06 -11.09
C VAL A 178 7.08 8.04 -10.46
N PHE A 179 8.29 7.59 -10.17
CA PHE A 179 9.22 8.47 -9.45
C PHE A 179 9.79 9.57 -10.33
N ASN A 180 9.69 9.44 -11.66
CA ASN A 180 10.24 10.45 -12.55
C ASN A 180 9.18 11.35 -13.16
N GLU A 181 7.93 11.18 -12.76
CA GLU A 181 6.92 12.19 -13.10
C GLU A 181 6.99 13.39 -12.14
N SER A 182 6.36 14.49 -12.53
CA SER A 182 6.54 15.74 -11.81
C SER A 182 5.72 15.83 -10.53
N TRP A 183 4.77 14.93 -10.33
CA TRP A 183 3.95 14.97 -9.12
C TRP A 183 4.78 14.74 -7.86
N ASP A 184 4.26 15.24 -6.75
CA ASP A 184 4.90 15.04 -5.45
C ASP A 184 4.74 13.58 -5.03
N VAL A 185 5.83 12.97 -4.57
CA VAL A 185 5.83 11.57 -4.18
C VAL A 185 6.40 11.48 -2.77
N THR A 186 5.67 10.82 -1.88
CA THR A 186 6.16 10.48 -0.55
C THR A 186 6.39 8.98 -0.52
N MET A 187 7.64 8.58 -0.29
CA MET A 187 8.04 7.17 -0.29
C MET A 187 8.05 6.70 1.16
N VAL A 188 7.07 5.89 1.52
CA VAL A 188 6.99 5.34 2.87
C VAL A 188 7.64 3.96 2.74
N GLY A 189 8.95 3.93 2.96
CA GLY A 189 9.76 2.76 2.67
C GLY A 189 10.04 1.92 3.91
N LEU A 190 10.86 0.88 3.70
CA LEU A 190 11.13 -0.06 4.80
C LEU A 190 11.83 0.62 5.95
N ASP A 191 12.60 1.69 5.70
CA ASP A 191 13.23 2.38 6.85
C ASP A 191 12.18 2.76 7.87
N LEU A 192 11.03 3.22 7.37
CA LEU A 192 9.91 3.62 8.19
C LEU A 192 9.11 2.40 8.65
N THR A 193 8.69 1.56 7.71
CA THR A 193 7.71 0.53 8.06
C THR A 193 8.32 -0.59 8.90
N SER A 194 9.65 -0.73 8.90
CA SER A 194 10.28 -1.68 9.81
C SER A 194 9.96 -1.35 11.26
N GLN A 195 9.49 -0.15 11.54
CA GLN A 195 9.10 0.28 12.88
C GLN A 195 7.64 -0.02 13.22
N ALA A 196 6.83 -0.38 12.22
CA ALA A 196 5.39 -0.62 12.40
C ALA A 196 5.15 -2.07 12.87
N LEU A 197 5.69 -2.37 14.05
CA LEU A 197 5.73 -3.74 14.53
C LEU A 197 4.43 -4.12 15.23
N ALA A 198 3.92 -5.31 14.89
CA ALA A 198 2.74 -5.86 15.57
C ALA A 198 3.23 -6.61 16.80
N THR A 199 3.54 -5.84 17.84
CA THR A 199 4.02 -6.37 19.10
C THR A 199 2.88 -7.07 19.82
N PRO A 200 3.19 -7.87 20.86
CA PRO A 200 2.11 -8.48 21.63
C PRO A 200 1.09 -7.47 22.14
N GLU A 201 1.54 -6.31 22.60
CA GLU A 201 0.59 -5.29 23.06
C GLU A 201 -0.34 -4.85 21.93
N VAL A 202 0.20 -4.69 20.71
CA VAL A 202 -0.66 -4.33 19.58
C VAL A 202 -1.70 -5.41 19.33
N LEU A 203 -1.27 -6.67 19.25
CA LEU A 203 -2.23 -7.73 18.97
C LEU A 203 -3.29 -7.82 20.05
N GLN A 204 -2.89 -7.59 21.32
CA GLN A 204 -3.85 -7.54 22.42
C GLN A 204 -4.88 -6.44 22.22
N ARG A 205 -4.44 -5.26 21.76
CA ARG A 205 -5.39 -4.18 21.53
C ARG A 205 -6.37 -4.53 20.41
N VAL A 206 -5.89 -5.18 19.35
CA VAL A 206 -6.80 -5.62 18.29
C VAL A 206 -7.82 -6.59 18.86
N LYS A 207 -7.36 -7.55 19.68
CA LYS A 207 -8.30 -8.52 20.26
C LYS A 207 -9.37 -7.81 21.09
N GLU A 208 -9.00 -6.74 21.79
CA GLU A 208 -9.91 -6.06 22.68
C GLU A 208 -10.88 -5.11 21.98
N VAL A 209 -10.71 -4.88 20.67
CA VAL A 209 -11.75 -4.18 19.92
C VAL A 209 -13.06 -4.96 19.96
N ARG A 210 -12.97 -6.30 19.96
CA ARG A 210 -14.14 -7.18 20.14
C ARG A 210 -15.19 -6.95 19.06
N THR A 211 -14.76 -7.03 17.81
CA THR A 211 -15.66 -7.02 16.66
C THR A 211 -15.23 -8.12 15.71
N LYS A 212 -16.15 -8.50 14.82
CA LYS A 212 -15.80 -9.49 13.81
C LYS A 212 -14.73 -8.99 12.84
N PRO A 213 -14.75 -7.74 12.37
CA PRO A 213 -13.63 -7.28 11.54
C PRO A 213 -12.31 -7.28 12.28
N ALA A 214 -12.31 -6.93 13.57
CA ALA A 214 -11.07 -6.99 14.34
C ALA A 214 -10.60 -8.42 14.52
N ASP A 215 -11.52 -9.36 14.74
CA ASP A 215 -11.17 -10.78 14.80
C ASP A 215 -10.52 -11.24 13.50
N PHE A 216 -11.09 -10.79 12.37
CA PHE A 216 -10.51 -11.08 11.06
C PHE A 216 -9.09 -10.55 10.96
N ILE A 217 -8.88 -9.30 11.38
CA ILE A 217 -7.54 -8.70 11.32
C ILE A 217 -6.59 -9.45 12.24
N LEU A 218 -7.06 -9.80 13.44
CA LEU A 218 -6.21 -10.53 14.37
C LEU A 218 -5.81 -11.88 13.79
N LYS A 219 -6.76 -12.56 13.14
CA LYS A 219 -6.46 -13.85 12.54
C LYS A 219 -5.36 -13.73 11.50
N ILE A 220 -5.50 -12.80 10.55
CA ILE A 220 -4.48 -12.68 9.51
C ILE A 220 -3.19 -12.13 10.10
N LEU A 221 -3.26 -11.25 11.10
CA LEU A 221 -2.02 -10.78 11.73
C LEU A 221 -1.31 -11.88 12.50
N GLU A 222 -2.05 -12.87 13.02
CA GLU A 222 -1.39 -13.99 13.71
C GLU A 222 -0.66 -14.89 12.72
N PHE A 223 -1.23 -15.13 11.54
CA PHE A 223 -0.50 -15.80 10.47
C PHE A 223 0.75 -15.01 10.08
N TYR A 224 0.55 -13.73 9.78
CA TYR A 224 1.64 -12.84 9.39
C TYR A 224 2.75 -12.83 10.43
N THR A 225 2.36 -12.84 11.71
CA THR A 225 3.33 -12.90 12.80
C THR A 225 4.15 -14.17 12.76
N LYS A 226 3.52 -15.33 12.51
CA LYS A 226 4.26 -16.58 12.52
C LYS A 226 5.26 -16.63 11.37
N VAL A 227 4.88 -16.07 10.22
CA VAL A 227 5.78 -16.02 9.08
C VAL A 227 6.98 -15.12 9.39
N TYR A 228 6.73 -13.94 9.96
CA TYR A 228 7.84 -13.03 10.24
C TYR A 228 8.76 -13.60 11.31
N GLU A 229 8.18 -14.20 12.35
CA GLU A 229 9.02 -14.77 13.40
C GLU A 229 9.86 -15.91 12.85
N THR A 230 9.28 -16.77 12.01
CA THR A 230 10.00 -17.92 11.48
C THR A 230 11.00 -17.53 10.42
N GLN A 231 10.56 -16.78 9.41
CA GLN A 231 11.42 -16.50 8.27
C GLN A 231 12.34 -15.31 8.52
N ARG A 232 11.96 -14.36 9.36
CA ARG A 232 12.69 -13.11 9.47
C ARG A 232 13.22 -12.81 10.87
N ASN A 233 12.80 -13.56 11.90
CA ASN A 233 13.29 -13.35 13.27
C ASN A 233 12.88 -11.99 13.82
N THR A 234 11.72 -11.46 13.40
CA THR A 234 11.19 -10.24 13.98
C THR A 234 9.69 -10.41 14.16
N TYR A 235 9.10 -9.49 14.93
CA TYR A 235 7.66 -9.33 14.85
C TYR A 235 7.28 -8.91 13.44
N ALA A 236 5.99 -9.07 13.12
CA ALA A 236 5.49 -8.69 11.80
C ALA A 236 5.53 -7.18 11.61
N LYS A 237 5.93 -6.77 10.41
CA LYS A 237 6.00 -5.37 10.02
C LYS A 237 4.75 -5.07 9.20
N VAL A 238 3.87 -4.24 9.75
CA VAL A 238 2.58 -3.98 9.09
C VAL A 238 2.75 -2.70 8.26
N HIS A 239 3.25 -2.87 7.04
CA HIS A 239 3.77 -1.77 6.25
C HIS A 239 2.66 -0.86 5.72
N ASP A 240 1.72 -1.46 4.99
CA ASP A 240 0.88 -0.66 4.10
C ASP A 240 0.01 0.37 4.78
N PRO A 241 -0.55 0.16 5.99
CA PRO A 241 -1.33 1.26 6.58
C PRO A 241 -0.50 2.48 6.90
N CYS A 242 0.84 2.36 6.94
CA CYS A 242 1.66 3.55 7.17
C CYS A 242 1.44 4.60 6.09
N ALA A 243 1.18 4.18 4.85
CA ALA A 243 0.95 5.15 3.79
C ALA A 243 -0.39 5.87 3.98
N VAL A 244 -1.43 5.12 4.37
CA VAL A 244 -2.72 5.76 4.66
C VAL A 244 -2.59 6.66 5.88
N ALA A 245 -1.80 6.24 6.88
CA ALA A 245 -1.63 7.02 8.09
C ALA A 245 -0.99 8.38 7.80
N TYR A 246 -0.04 8.42 6.88
CA TYR A 246 0.58 9.69 6.49
C TYR A 246 -0.47 10.64 5.95
N VAL A 247 -1.40 10.13 5.13
CA VAL A 247 -2.44 10.99 4.58
C VAL A 247 -3.36 11.49 5.68
N ILE A 248 -3.70 10.62 6.65
CA ILE A 248 -4.52 11.05 7.78
C ILE A 248 -3.84 12.17 8.57
N ASP A 249 -2.57 11.99 8.89
CA ASP A 249 -1.85 12.90 9.79
C ASP A 249 -0.36 12.79 9.47
N PRO A 250 0.18 13.72 8.68
CA PRO A 250 1.61 13.62 8.31
C PRO A 250 2.54 13.64 9.50
N THR A 251 2.12 14.19 10.64
CA THR A 251 3.01 14.17 11.80
C THR A 251 3.18 12.78 12.39
N VAL A 252 2.49 11.77 11.86
CA VAL A 252 2.72 10.40 12.31
C VAL A 252 4.11 9.89 11.93
N MET A 253 4.84 10.59 11.07
CA MET A 253 6.18 10.15 10.69
C MET A 253 6.99 11.37 10.24
N THR A 254 8.31 11.30 10.43
CA THR A 254 9.17 12.33 9.85
C THR A 254 9.47 11.97 8.40
N THR A 255 9.79 13.00 7.62
CA THR A 255 10.22 12.78 6.24
C THR A 255 11.39 13.69 5.92
N ASN A 256 12.15 13.29 4.90
CA ASN A 256 13.23 14.11 4.37
C ASN A 256 13.09 14.24 2.86
N ARG A 257 13.14 15.46 2.34
CA ARG A 257 13.15 15.64 0.90
C ARG A 257 14.55 15.32 0.36
N VAL A 258 14.62 14.31 -0.49
CA VAL A 258 15.89 13.88 -1.10
C VAL A 258 15.56 13.38 -2.50
N PRO A 259 16.48 13.48 -3.45
CA PRO A 259 16.27 12.87 -4.77
C PRO A 259 16.16 11.36 -4.64
N VAL A 260 15.23 10.79 -5.38
CA VAL A 260 15.05 9.33 -5.43
C VAL A 260 14.89 8.92 -6.88
N ASN A 261 15.63 7.91 -7.30
CA ASN A 261 15.44 7.33 -8.62
C ASN A 261 15.44 5.82 -8.49
N ILE A 262 15.06 5.12 -9.55
CA ILE A 262 14.89 3.65 -9.52
C ILE A 262 15.96 3.00 -10.38
N GLU A 263 16.73 2.07 -9.78
CA GLU A 263 17.71 1.31 -10.55
C GLU A 263 17.03 0.22 -11.38
N LEU A 264 17.26 0.24 -12.70
CA LEU A 264 16.69 -0.77 -13.57
C LEU A 264 17.68 -1.78 -14.08
N ASN A 265 18.97 -1.45 -14.13
CA ASN A 265 19.81 -2.38 -14.85
CA ASN A 265 19.98 -2.20 -14.87
C ASN A 265 20.89 -3.06 -14.02
N GLY A 266 20.98 -2.80 -12.72
CA GLY A 266 22.01 -3.44 -11.93
C GLY A 266 21.79 -4.94 -11.77
N GLU A 267 22.90 -5.67 -11.79
CA GLU A 267 22.87 -7.10 -11.59
C GLU A 267 22.39 -7.44 -10.19
N LEU A 268 22.88 -6.69 -9.20
CA LEU A 268 22.54 -6.93 -7.81
C LEU A 268 21.49 -5.98 -7.30
N THR A 269 21.31 -4.84 -7.96
CA THR A 269 20.58 -3.72 -7.37
C THR A 269 19.33 -3.35 -8.15
N ALA A 270 18.93 -4.12 -9.17
CA ALA A 270 17.69 -3.77 -9.88
C ALA A 270 16.54 -3.72 -8.90
N GLY A 271 15.70 -2.68 -9.01
CA GLY A 271 14.60 -2.50 -8.08
C GLY A 271 14.94 -1.68 -6.86
N MET A 272 16.19 -1.24 -6.72
CA MET A 272 16.56 -0.36 -5.61
C MET A 272 15.97 1.03 -5.81
N THR A 273 15.48 1.63 -4.72
CA THR A 273 15.20 3.06 -4.69
C THR A 273 16.48 3.75 -4.24
N VAL A 274 17.17 4.35 -5.22
CA VAL A 274 18.45 5.00 -4.99
C VAL A 274 18.17 6.41 -4.48
N THR A 275 18.53 6.66 -3.24
CA THR A 275 18.26 7.94 -2.59
C THR A 275 19.56 8.70 -2.43
N ASP A 276 19.51 10.03 -2.54
CA ASP A 276 20.74 10.81 -2.45
C ASP A 276 20.65 11.74 -1.24
N PHE A 277 21.23 11.31 -0.12
CA PHE A 277 21.24 12.12 1.09
C PHE A 277 22.45 13.04 1.18
N ARG A 278 23.29 13.08 0.16
CA ARG A 278 24.50 13.88 0.25
C ARG A 278 24.18 15.38 0.28
N TYR A 279 25.02 16.11 0.92
CA TYR A 279 24.86 17.55 0.99
C TYR A 279 25.47 18.23 -0.24
N PRO A 280 24.81 19.27 -0.80
CA PRO A 280 23.51 19.81 -0.40
C PRO A 280 22.33 19.15 -1.13
N ARG A 281 21.20 19.09 -0.45
CA ARG A 281 20.00 18.58 -1.09
C ARG A 281 19.46 19.63 -2.07
N PRO A 282 18.99 19.21 -3.25
CA PRO A 282 18.45 20.17 -4.21
C PRO A 282 17.20 20.85 -3.66
N GLU A 283 16.92 22.03 -4.18
CA GLU A 283 15.73 22.75 -3.78
C GLU A 283 14.53 22.28 -4.59
N GLN A 284 13.35 22.38 -3.98
CA GLN A 284 12.08 22.05 -4.61
C GLN A 284 12.08 20.61 -5.11
N CYS A 285 12.69 19.74 -4.32
CA CYS A 285 12.72 18.31 -4.60
C CYS A 285 11.32 17.71 -4.52
N HIS A 286 10.88 17.03 -5.58
CA HIS A 286 9.51 16.53 -5.61
C HIS A 286 9.33 15.18 -4.89
N THR A 287 10.40 14.58 -4.37
CA THR A 287 10.30 13.33 -3.65
C THR A 287 10.74 13.51 -2.20
N GLN A 288 10.06 12.83 -1.29
CA GLN A 288 10.53 12.80 0.09
C GLN A 288 10.41 11.37 0.59
N VAL A 289 11.26 11.03 1.56
CA VAL A 289 11.35 9.66 2.06
C VAL A 289 11.04 9.69 3.55
N ALA A 290 10.20 8.76 4.02
CA ALA A 290 9.83 8.71 5.44
C ALA A 290 10.94 8.08 6.26
N SER A 291 11.04 8.51 7.52
CA SER A 291 12.16 8.11 8.37
C SER A 291 11.71 7.53 9.70
N LYS A 292 11.19 8.35 10.62
CA LYS A 292 10.87 7.88 11.97
C LYS A 292 9.35 7.82 12.16
N LEU A 293 8.87 6.72 12.75
CA LEU A 293 7.45 6.51 13.01
C LEU A 293 7.05 6.91 14.43
N ASP A 294 5.91 7.60 14.56
CA ASP A 294 5.25 7.78 15.86
C ASP A 294 4.47 6.49 16.11
N PHE A 295 5.10 5.55 16.81
CA PHE A 295 4.56 4.20 16.93
C PHE A 295 3.20 4.20 17.61
N SER A 296 3.09 4.95 18.72
CA SER A 296 1.83 4.99 19.44
CA SER A 296 1.83 5.03 19.46
C SER A 296 0.73 5.65 18.62
N LYS A 297 1.02 6.77 17.94
CA LYS A 297 -0.01 7.39 17.11
C LYS A 297 -0.45 6.47 15.99
N TYR A 298 0.51 5.78 15.35
CA TYR A 298 0.18 4.88 14.25
C TYR A 298 -0.80 3.80 14.70
N TRP A 299 -0.46 3.09 15.77
CA TRP A 299 -1.35 2.01 16.18
C TRP A 299 -2.65 2.55 16.76
N ASP A 300 -2.63 3.74 17.38
CA ASP A 300 -3.89 4.34 17.81
C ASP A 300 -4.81 4.59 16.62
N LEU A 301 -4.24 5.00 15.48
CA LEU A 301 -5.07 5.23 14.30
C LEU A 301 -5.68 3.92 13.81
N VAL A 302 -4.90 2.85 13.79
CA VAL A 302 -5.43 1.56 13.34
C VAL A 302 -6.53 1.08 14.26
N ILE A 303 -6.30 1.15 15.58
CA ILE A 303 -7.29 0.65 16.53
C ILE A 303 -8.56 1.49 16.45
N ASP A 304 -8.40 2.81 16.34
CA ASP A 304 -9.56 3.70 16.27
C ASP A 304 -10.41 3.39 15.03
N ALA A 305 -9.77 3.11 13.89
CA ALA A 305 -10.51 2.75 12.69
C ALA A 305 -11.30 1.47 12.90
N LEU A 306 -10.70 0.47 13.55
CA LEU A 306 -11.43 -0.77 13.82
C LEU A 306 -12.60 -0.52 14.75
N GLN A 307 -12.40 0.35 15.75
CA GLN A 307 -13.51 0.69 16.66
C GLN A 307 -14.66 1.36 15.91
N ARG A 308 -14.32 2.27 14.99
CA ARG A 308 -15.36 3.01 14.27
C ARG A 308 -16.11 2.11 13.29
N ILE A 309 -15.41 1.17 12.66
CA ILE A 309 -16.10 0.20 11.83
C ILE A 309 -17.09 -0.61 12.65
N GLY A 310 -16.71 -0.97 13.87
CA GLY A 310 -17.63 -1.72 14.72
C GLY A 310 -17.96 -3.07 14.11
N ASP A 311 -19.18 -3.53 14.37
CA ASP A 311 -19.70 -4.78 13.82
C ASP A 311 -20.81 -4.42 12.85
N PRO A 312 -20.50 -4.25 11.56
CA PRO A 312 -21.48 -3.82 10.56
C PRO A 312 -22.59 -4.85 10.39
CA CA B . 0.97 -4.52 -0.32
C4 BDR C . 5.36 -4.74 0.78
O4 BDR C . 5.44 -6.00 0.38
C1 BDR C . 4.10 -6.77 0.73
O1 BDR C . 4.43 -8.00 1.24
C2 BDR C . 3.42 -5.95 1.60
O2 BDR C . 1.99 -6.03 1.30
C3 BDR C . 3.93 -4.51 1.39
O3 BDR C . 3.17 -3.72 0.53
C5 BDR C . 6.47 -4.54 1.80
O5 BDR C . 7.68 -4.82 1.16
#